data_3IWY
#
_entry.id   3IWY
#
_cell.length_a   33.569
_cell.length_b   46.503
_cell.length_c   49.353
_cell.angle_alpha   90.00
_cell.angle_beta   92.35
_cell.angle_gamma   90.00
#
_symmetry.space_group_name_H-M   'P 1 21 1'
#
loop_
_entity.id
_entity.type
_entity.pdbx_description
1 polymer 'D-peptide inhibitor'
2 polymer 'E3 ubiquitin-protein ligase Mdm2'
3 water water
#
loop_
_entity_poly.entity_id
_entity_poly.type
_entity_poly.pdbx_seq_one_letter_code
_entity_poly.pdbx_strand_id
1 'polypeptide(L)' (DAS)(DTR)(DTR)(DPR)(DLE)(DAL)(DPN)(DGL)(DAL)(DLE)(DLE)(DAR) B,D
2 'polypeptide(L)'
;ETLVRPKPLLLKLLKSVGAQKDTYTMKEVLFYLGQYIMTKRLYDEKQQHIVYCSNDLLGDLFGVPSFSVKEHRKIYTMIY
RNLVV
;
A,C
#
# COMPACT_ATOMS: atom_id res chain seq x y z
N THR C 2 11.00 0.11 7.54
CA THR C 2 10.11 1.30 7.52
C THR C 2 8.99 1.26 8.62
N LEU C 3 9.07 2.20 9.54
CA LEU C 3 8.10 2.29 10.61
C LEU C 3 7.04 3.32 10.28
N VAL C 4 5.79 2.99 10.64
CA VAL C 4 4.62 3.82 10.35
C VAL C 4 3.95 3.97 11.67
N ARG C 5 3.15 5.00 11.78
CA ARG C 5 2.54 5.33 13.02
C ARG C 5 1.03 5.39 12.87
N PRO C 6 0.33 4.40 13.46
CA PRO C 6 -1.13 4.38 13.26
C PRO C 6 -1.79 5.56 13.92
N LYS C 7 -2.88 6.03 13.33
CA LYS C 7 -3.81 7.00 13.90
C LYS C 7 -4.55 6.35 15.07
N PRO C 8 -5.21 7.14 15.95
CA PRO C 8 -5.81 6.52 17.15
C PRO C 8 -6.63 5.28 16.93
N LEU C 9 -7.59 5.37 16.02
CA LEU C 9 -8.53 4.29 15.75
C LEU C 9 -7.86 2.98 15.37
N LEU C 10 -6.90 3.05 14.44
CA LEU C 10 -6.17 1.85 14.04
C LEU C 10 -5.33 1.35 15.20
N LEU C 11 -4.78 2.29 15.98
CA LEU C 11 -3.95 1.92 17.09
C LEU C 11 -4.77 1.13 18.08
N LYS C 12 -5.99 1.60 18.39
CA LYS C 12 -6.88 0.88 19.31
C LYS C 12 -7.10 -0.56 18.82
N LEU C 13 -7.40 -0.68 17.54
CA LEU C 13 -7.61 -2.02 16.97
C LEU C 13 -6.39 -2.95 17.21
N LEU C 14 -5.20 -2.49 16.84
CA LEU C 14 -4.00 -3.28 16.90
C LEU C 14 -3.70 -3.75 18.30
N LYS C 15 -3.82 -2.82 19.27
CA LYS C 15 -3.57 -3.14 20.66
C LYS C 15 -4.59 -4.14 21.23
N SER C 16 -5.84 -4.05 20.79
CA SER C 16 -6.90 -4.93 21.29
C SER C 16 -6.55 -6.40 20.94
N VAL C 17 -5.61 -6.57 19.99
CA VAL C 17 -5.00 -7.87 19.68
C VAL C 17 -3.47 -8.06 20.06
N GLY C 18 -2.98 -7.33 21.06
CA GLY C 18 -1.65 -7.71 21.58
C GLY C 18 -0.45 -6.81 21.26
N ALA C 19 -0.54 -6.01 20.19
CA ALA C 19 0.52 -5.01 19.89
C ALA C 19 0.73 -4.04 21.08
N GLN C 20 1.95 -3.59 21.34
CA GLN C 20 2.10 -2.61 22.45
C GLN C 20 2.74 -1.25 22.13
N LYS C 21 3.78 -1.25 21.29
CA LYS C 21 4.35 0.01 20.75
C LYS C 21 3.33 0.98 20.12
N ASP C 22 3.82 2.14 19.72
CA ASP C 22 3.02 3.07 18.94
C ASP C 22 3.46 3.16 17.46
N THR C 23 4.56 2.49 17.08
CA THR C 23 4.97 2.42 15.67
C THR C 23 5.22 0.97 15.18
N TYR C 24 4.94 0.67 13.91
CA TYR C 24 5.02 -0.68 13.38
C TYR C 24 5.59 -0.73 11.97
N THR C 25 6.03 -1.91 11.58
CA THR C 25 6.27 -2.18 10.17
C THR C 25 4.92 -2.50 9.50
N MET C 26 4.87 -2.41 8.18
CA MET C 26 3.65 -2.75 7.48
C MET C 26 3.28 -4.23 7.66
N LYS C 27 4.30 -5.06 7.87
CA LYS C 27 4.08 -6.50 8.02
C LYS C 27 3.35 -6.69 9.36
N GLU C 28 3.65 -5.81 10.32
CA GLU C 28 3.17 -5.99 11.70
C GLU C 28 1.76 -5.54 11.77
N VAL C 29 1.47 -4.41 11.08
CA VAL C 29 0.10 -3.89 10.94
C VAL C 29 -0.76 -5.00 10.32
N LEU C 30 -0.29 -5.57 9.21
CA LEU C 30 -1.10 -6.60 8.55
C LEU C 30 -1.39 -7.82 9.39
N PHE C 31 -0.37 -8.31 10.10
CA PHE C 31 -0.52 -9.42 11.02
C PHE C 31 -1.59 -9.17 12.10
N TYR C 32 -1.46 -8.04 12.77
CA TYR C 32 -2.45 -7.75 13.78
C TYR C 32 -3.83 -7.54 13.18
N LEU C 33 -3.93 -6.75 12.13
CA LEU C 33 -5.21 -6.64 11.41
C LEU C 33 -5.81 -8.02 11.05
N GLY C 34 -4.98 -8.93 10.61
CA GLY C 34 -5.49 -10.26 10.19
C GLY C 34 -5.94 -11.07 11.40
N GLN C 35 -5.21 -10.89 12.50
CA GLN C 35 -5.56 -11.52 13.78
C GLN C 35 -6.88 -11.02 14.36
N TYR C 36 -7.09 -9.71 14.27
CA TYR C 36 -8.35 -9.09 14.66
C TYR C 36 -9.53 -9.64 13.91
N ILE C 37 -9.42 -9.66 12.58
CA ILE C 37 -10.38 -10.33 11.69
C ILE C 37 -10.62 -11.82 12.01
N MET C 38 -9.55 -12.57 12.24
CA MET C 38 -9.65 -14.00 12.55
C MET C 38 -10.30 -14.25 13.92
N THR C 39 -9.88 -13.50 14.93
CA THR C 39 -10.32 -13.76 16.27
C THR C 39 -11.77 -13.45 16.39
N LYS C 40 -12.18 -12.29 15.86
CA LYS C 40 -13.60 -11.90 15.88
C LYS C 40 -14.42 -12.63 14.78
N ARG C 41 -13.72 -13.22 13.81
CA ARG C 41 -14.39 -14.06 12.78
C ARG C 41 -15.30 -13.21 11.91
N LEU C 42 -14.73 -12.14 11.36
CA LEU C 42 -15.51 -11.15 10.62
C LEU C 42 -15.70 -11.59 9.19
N TYR C 43 -14.97 -12.64 8.82
CA TYR C 43 -15.02 -13.12 7.45
C TYR C 43 -16.27 -13.96 7.24
N ASP C 44 -16.63 -14.13 5.98
CA ASP C 44 -17.73 -14.96 5.60
C ASP C 44 -17.23 -16.39 5.65
N GLU C 45 -17.87 -17.20 6.49
CA GLU C 45 -17.60 -18.64 6.56
C GLU C 45 -17.55 -19.35 5.22
N LYS C 46 -18.43 -18.96 4.30
CA LYS C 46 -18.58 -19.65 3.01
C LYS C 46 -17.74 -19.00 1.89
N GLN C 47 -17.33 -17.74 2.09
CA GLN C 47 -16.47 -17.02 1.13
C GLN C 47 -15.47 -16.24 1.99
N GLN C 48 -14.43 -16.96 2.38
CA GLN C 48 -13.59 -16.54 3.46
C GLN C 48 -12.71 -15.35 3.16
N HIS C 49 -12.51 -15.03 1.89
CA HIS C 49 -11.77 -13.82 1.55
C HIS C 49 -12.63 -12.55 1.75
N ILE C 50 -13.94 -12.72 1.95
CA ILE C 50 -14.81 -11.58 2.21
C ILE C 50 -14.85 -11.34 3.70
N VAL C 51 -14.68 -10.08 4.10
CA VAL C 51 -14.77 -9.62 5.49
C VAL C 51 -16.03 -8.77 5.59
N TYR C 52 -16.87 -9.04 6.59
CA TYR C 52 -18.02 -8.21 6.90
C TYR C 52 -17.74 -7.49 8.20
N CYS C 53 -17.35 -6.23 8.07
CA CYS C 53 -16.87 -5.43 9.20
C CYS C 53 -17.82 -4.30 9.51
N SER C 54 -19.07 -4.46 9.10
CA SER C 54 -20.18 -3.60 9.53
C SER C 54 -20.32 -3.51 11.05
N ASN C 55 -20.62 -2.30 11.53
CA ASN C 55 -21.00 -2.11 12.93
C ASN C 55 -19.85 -2.56 13.89
N ASP C 56 -18.65 -2.11 13.57
CA ASP C 56 -17.47 -2.62 14.20
C ASP C 56 -16.40 -1.58 13.98
N LEU C 57 -15.47 -1.47 14.93
CA LEU C 57 -14.28 -0.61 14.79
C LEU C 57 -13.56 -0.70 13.42
N LEU C 58 -13.48 -1.90 12.87
CA LEU C 58 -12.75 -2.08 11.60
C LEU C 58 -13.51 -1.35 10.48
N GLY C 59 -14.84 -1.41 10.55
CA GLY C 59 -15.68 -0.66 9.63
C GLY C 59 -15.55 0.85 9.80
N ASP C 60 -15.46 1.28 11.06
CA ASP C 60 -15.35 2.72 11.42
C ASP C 60 -14.07 3.35 10.87
N LEU C 61 -12.96 2.64 11.00
CA LEU C 61 -11.66 3.14 10.50
C LEU C 61 -11.43 2.95 9.00
N PHE C 62 -11.91 1.84 8.44
CA PHE C 62 -11.81 1.61 7.00
C PHE C 62 -12.82 2.39 6.21
N GLY C 63 -13.95 2.71 6.85
CA GLY C 63 -14.98 3.51 6.22
C GLY C 63 -15.90 2.74 5.30
N VAL C 64 -15.91 1.41 5.40
CA VAL C 64 -16.78 0.49 4.61
C VAL C 64 -17.22 -0.70 5.48
N PRO C 65 -18.40 -1.30 5.20
CA PRO C 65 -18.84 -2.38 6.05
C PRO C 65 -18.54 -3.75 5.48
N SER C 66 -17.81 -3.79 4.35
CA SER C 66 -17.31 -5.01 3.76
C SER C 66 -16.12 -4.72 2.82
N PHE C 67 -15.33 -5.74 2.55
CA PHE C 67 -14.24 -5.66 1.53
C PHE C 67 -13.73 -7.07 1.38
N SER C 68 -12.82 -7.25 0.42
CA SER C 68 -12.32 -8.56 0.12
C SER C 68 -10.83 -8.55 0.24
N VAL C 69 -10.30 -9.63 0.81
CA VAL C 69 -8.87 -9.68 1.05
C VAL C 69 -8.08 -9.72 -0.29
N LYS C 70 -8.82 -9.88 -1.39
CA LYS C 70 -8.18 -9.90 -2.72
C LYS C 70 -7.93 -8.46 -3.19
N GLU C 71 -8.47 -7.46 -2.49
CA GLU C 71 -8.39 -6.11 -2.96
C GLU C 71 -7.19 -5.43 -2.29
N HIS C 72 -6.01 -5.82 -2.71
CA HIS C 72 -4.80 -5.30 -2.07
C HIS C 72 -4.72 -3.78 -2.09
N ARG C 73 -4.96 -3.17 -3.26
CA ARG C 73 -4.89 -1.70 -3.43
C ARG C 73 -5.86 -0.91 -2.55
N LYS C 74 -7.12 -1.34 -2.53
CA LYS C 74 -8.10 -0.71 -1.61
C LYS C 74 -7.64 -0.87 -0.16
N ILE C 75 -7.19 -2.06 0.20
CA ILE C 75 -6.72 -2.31 1.58
C ILE C 75 -5.52 -1.44 1.98
N TYR C 76 -4.49 -1.30 1.10
CA TYR C 76 -3.40 -0.38 1.39
C TYR C 76 -3.87 1.08 1.52
N THR C 77 -4.76 1.48 0.62
CA THR C 77 -5.25 2.85 0.57
C THR C 77 -6.01 3.11 1.86
N MET C 78 -6.85 2.17 2.28
CA MET C 78 -7.55 2.34 3.57
C MET C 78 -6.58 2.38 4.75
N ILE C 79 -5.44 1.69 4.64
CA ILE C 79 -4.42 1.72 5.67
C ILE C 79 -3.64 3.03 5.72
N TYR C 80 -3.11 3.48 4.58
CA TYR C 80 -2.43 4.76 4.44
C TYR C 80 -3.22 5.84 5.12
N ARG C 81 -4.53 5.83 4.89
CA ARG C 81 -5.45 6.85 5.41
C ARG C 81 -5.51 6.83 6.93
N ASN C 82 -5.12 5.71 7.52
CA ASN C 82 -5.09 5.50 8.98
C ASN C 82 -3.66 5.52 9.60
N LEU C 83 -2.71 6.06 8.84
CA LEU C 83 -1.34 6.22 9.27
C LEU C 83 -1.03 7.68 9.51
N THR D 2 -10.19 8.10 -2.89
CA THR D 2 -9.10 8.75 -2.09
C THR D 2 -7.99 9.35 -2.98
N LEU D 3 -7.60 10.59 -2.69
CA LEU D 3 -6.59 11.31 -3.45
C LEU D 3 -5.30 11.44 -2.67
N VAL D 4 -4.19 11.40 -3.38
CA VAL D 4 -2.88 11.37 -2.77
C VAL D 4 -2.04 12.39 -3.48
N ARG D 5 -1.11 12.98 -2.74
CA ARG D 5 -0.31 14.06 -3.19
C ARG D 5 1.16 13.56 -3.18
N PRO D 6 1.70 13.24 -4.38
CA PRO D 6 3.10 12.81 -4.47
C PRO D 6 4.07 13.88 -4.06
N LYS D 7 5.15 13.47 -3.44
CA LYS D 7 6.26 14.30 -3.10
C LYS D 7 7.07 14.58 -4.39
N PRO D 8 8.06 15.50 -4.34
CA PRO D 8 8.70 16.02 -5.57
C PRO D 8 9.24 15.00 -6.55
N LEU D 9 10.08 14.10 -6.08
CA LEU D 9 10.71 13.07 -6.92
C LEU D 9 9.67 12.17 -7.55
N LEU D 10 8.62 11.81 -6.78
CA LEU D 10 7.53 11.01 -7.33
C LEU D 10 6.77 11.79 -8.38
N LEU D 11 6.43 13.04 -8.03
CA LEU D 11 5.84 13.93 -8.98
C LEU D 11 6.73 14.09 -10.21
N LYS D 12 8.04 14.14 -10.03
CA LYS D 12 8.89 14.24 -11.23
C LYS D 12 8.72 13.00 -12.15
N LEU D 13 8.64 11.82 -11.55
CA LEU D 13 8.55 10.61 -12.37
C LEU D 13 7.22 10.55 -13.13
N LEU D 14 6.14 10.91 -12.42
CA LEU D 14 4.80 10.84 -12.96
C LEU D 14 4.67 11.78 -14.15
N LYS D 15 5.18 13.01 -14.01
CA LYS D 15 5.20 14.00 -15.12
C LYS D 15 6.09 13.59 -16.32
N SER D 16 7.14 12.83 -16.06
CA SER D 16 7.96 12.37 -17.17
C SER D 16 7.21 11.36 -18.07
N VAL D 17 6.07 10.82 -17.58
CA VAL D 17 5.21 9.97 -18.40
C VAL D 17 3.87 10.66 -18.61
N GLY D 18 3.91 11.98 -18.49
CA GLY D 18 2.86 12.86 -19.01
C GLY D 18 1.72 13.21 -18.10
N ALA D 19 1.79 12.84 -16.82
CA ALA D 19 0.76 13.24 -15.86
C ALA D 19 0.93 14.72 -15.55
N GLN D 20 -0.16 15.46 -15.47
CA GLN D 20 -0.09 16.94 -15.51
C GLN D 20 -0.70 17.53 -14.25
N LYS D 21 -1.58 16.75 -13.63
CA LYS D 21 -2.10 17.01 -12.30
C LYS D 21 -1.04 16.78 -11.19
N ASP D 22 -1.32 17.29 -10.02
CA ASP D 22 -0.42 17.07 -8.92
C ASP D 22 -1.09 16.22 -7.85
N THR D 23 -2.37 15.92 -8.03
CA THR D 23 -3.05 15.02 -7.11
C THR D 23 -3.59 13.78 -7.92
N TYR D 24 -3.52 12.57 -7.34
CA TYR D 24 -3.92 11.31 -8.02
C TYR D 24 -4.63 10.29 -7.17
N THR D 25 -5.33 9.36 -7.83
CA THR D 25 -5.75 8.11 -7.20
C THR D 25 -4.57 7.11 -7.17
N MET D 26 -4.68 6.13 -6.27
CA MET D 26 -3.65 5.08 -6.24
C MET D 26 -3.55 4.28 -7.54
N LYS D 27 -4.69 4.13 -8.20
CA LYS D 27 -4.74 3.35 -9.47
C LYS D 27 -3.96 4.11 -10.57
N GLU D 28 -4.01 5.44 -10.47
CA GLU D 28 -3.38 6.37 -11.42
C GLU D 28 -1.88 6.41 -11.24
N VAL D 29 -1.44 6.59 -9.97
CA VAL D 29 -0.03 6.41 -9.58
C VAL D 29 0.46 5.06 -10.12
N LEU D 30 -0.24 3.97 -9.81
CA LEU D 30 0.21 2.66 -10.31
C LEU D 30 0.33 2.59 -11.81
N PHE D 31 -0.72 3.06 -12.52
CA PHE D 31 -0.71 3.22 -13.96
C PHE D 31 0.53 3.95 -14.50
N TYR D 32 0.80 5.14 -13.96
CA TYR D 32 1.90 5.93 -14.45
C TYR D 32 3.26 5.32 -14.14
N LEU D 33 3.42 4.86 -12.91
CA LEU D 33 4.61 4.08 -12.50
C LEU D 33 4.88 2.87 -13.44
N GLY D 34 3.82 2.11 -13.73
CA GLY D 34 3.88 1.00 -14.68
C GLY D 34 4.34 1.46 -16.06
N GLN D 35 3.82 2.63 -16.47
CA GLN D 35 4.12 3.29 -17.74
C GLN D 35 5.60 3.66 -17.86
N TYR D 36 6.12 4.29 -16.79
CA TYR D 36 7.58 4.56 -16.66
C TYR D 36 8.46 3.33 -16.81
N ILE D 37 8.07 2.28 -16.07
CA ILE D 37 8.83 1.02 -16.07
C ILE D 37 8.83 0.37 -17.43
N MET D 38 7.66 0.37 -18.08
CA MET D 38 7.49 -0.30 -19.37
C MET D 38 8.19 0.54 -20.45
N THR D 39 8.03 1.85 -20.32
CA THR D 39 8.57 2.82 -21.24
C THR D 39 10.09 2.80 -21.30
N LYS D 40 10.73 2.77 -20.14
CA LYS D 40 12.17 2.66 -20.09
C LYS D 40 12.70 1.22 -20.25
N ARG D 41 11.82 0.24 -20.12
CA ARG D 41 12.19 -1.19 -20.24
C ARG D 41 13.10 -1.60 -19.08
N LEU D 42 12.85 -1.02 -17.89
CA LEU D 42 13.63 -1.31 -16.68
C LEU D 42 13.53 -2.77 -16.20
N TYR D 43 12.60 -3.52 -16.77
CA TYR D 43 12.38 -4.87 -16.30
C TYR D 43 13.38 -5.83 -16.91
N ASP D 44 13.62 -6.93 -16.21
CA ASP D 44 14.44 -8.03 -16.72
C ASP D 44 13.67 -8.71 -17.87
N GLU D 45 14.27 -8.71 -19.07
CA GLU D 45 13.63 -9.30 -20.24
C GLU D 45 13.20 -10.77 -20.03
N LYS D 46 14.03 -11.56 -19.33
CA LYS D 46 13.78 -12.99 -19.17
C LYS D 46 12.99 -13.37 -17.89
N GLN D 47 12.82 -12.41 -16.99
CA GLN D 47 12.07 -12.58 -15.72
C GLN D 47 11.38 -11.23 -15.42
N GLN D 48 10.27 -11.02 -16.10
CA GLN D 48 9.75 -9.70 -16.26
C GLN D 48 9.11 -9.07 -15.03
N HIS D 49 8.83 -9.87 -14.01
CA HIS D 49 8.37 -9.27 -12.76
C HIS D 49 9.49 -8.50 -12.02
N ILE D 50 10.75 -8.76 -12.42
CA ILE D 50 11.90 -8.16 -11.75
C ILE D 50 12.21 -6.86 -12.46
N VAL D 51 12.39 -5.80 -11.65
CA VAL D 51 12.63 -4.44 -12.14
C VAL D 51 14.05 -4.02 -11.67
N TYR D 52 14.94 -3.68 -12.61
CA TYR D 52 16.27 -3.24 -12.24
C TYR D 52 16.34 -1.74 -12.43
N CYS D 53 16.35 -1.02 -11.34
CA CYS D 53 16.19 0.42 -11.40
C CYS D 53 17.40 1.14 -10.80
N SER D 54 18.56 0.50 -10.90
N SER D 54 18.56 0.51 -10.90
CA SER D 54 19.79 1.10 -10.42
CA SER D 54 19.79 1.10 -10.37
C SER D 54 20.01 2.37 -11.24
C SER D 54 20.13 2.30 -11.25
N ASN D 55 20.69 3.35 -10.63
CA ASN D 55 21.18 4.50 -11.39
C ASN D 55 20.07 5.14 -12.25
N ASP D 56 18.87 5.28 -11.69
CA ASP D 56 17.73 5.76 -12.43
C ASP D 56 16.87 6.49 -11.40
N LEU D 57 16.12 7.50 -11.87
CA LEU D 57 15.13 8.23 -11.06
C LEU D 57 14.32 7.27 -10.16
N LEU D 58 13.87 6.17 -10.74
CA LEU D 58 13.01 5.25 -10.00
C LEU D 58 13.77 4.60 -8.82
N GLY D 59 15.06 4.33 -9.02
CA GLY D 59 15.88 3.81 -7.95
C GLY D 59 16.11 4.82 -6.82
N ASP D 60 16.23 6.07 -7.23
CA ASP D 60 16.40 7.22 -6.30
C ASP D 60 15.13 7.36 -5.45
N LEU D 61 13.98 7.37 -6.10
CA LEU D 61 12.67 7.43 -5.46
C LEU D 61 12.48 6.36 -4.39
N PHE D 62 12.57 5.12 -4.83
CA PHE D 62 12.33 3.95 -3.99
C PHE D 62 13.45 3.64 -3.02
N GLY D 63 14.70 4.01 -3.33
CA GLY D 63 15.87 3.69 -2.51
C GLY D 63 16.40 2.28 -2.66
N VAL D 64 16.13 1.65 -3.80
CA VAL D 64 16.58 0.26 -4.01
C VAL D 64 16.88 0.16 -5.52
N PRO D 65 17.90 -0.61 -5.88
CA PRO D 65 18.28 -0.76 -7.27
C PRO D 65 17.60 -1.96 -7.96
N SER D 66 16.74 -2.70 -7.22
CA SER D 66 15.86 -3.68 -7.80
C SER D 66 14.65 -3.95 -6.93
N PHE D 67 13.60 -4.50 -7.54
CA PHE D 67 12.45 -5.05 -6.77
C PHE D 67 11.66 -5.93 -7.71
N SER D 68 10.67 -6.66 -7.16
CA SER D 68 9.85 -7.53 -7.98
C SER D 68 8.44 -7.07 -7.85
N VAL D 69 7.68 -7.11 -8.95
CA VAL D 69 6.28 -6.60 -8.94
C VAL D 69 5.38 -7.53 -8.07
N LYS D 70 5.89 -8.70 -7.73
CA LYS D 70 5.19 -9.60 -6.83
C LYS D 70 5.19 -9.12 -5.38
N GLU D 71 6.08 -8.19 -5.03
CA GLU D 71 6.25 -7.76 -3.65
C GLU D 71 5.34 -6.59 -3.44
N HIS D 72 4.05 -6.88 -3.44
CA HIS D 72 3.04 -5.83 -3.32
C HIS D 72 3.28 -4.98 -2.07
N ARG D 73 3.45 -5.64 -0.92
CA ARG D 73 3.69 -4.92 0.36
C ARG D 73 4.85 -3.93 0.31
N LYS D 74 6.03 -4.40 -0.11
CA LYS D 74 7.17 -3.52 -0.28
C LYS D 74 6.92 -2.35 -1.23
N ILE D 75 6.15 -2.59 -2.29
CA ILE D 75 5.88 -1.54 -3.28
C ILE D 75 4.92 -0.49 -2.71
N TYR D 76 3.89 -0.94 -1.98
CA TYR D 76 3.04 -0.01 -1.27
C TYR D 76 3.74 0.83 -0.21
N THR D 77 4.60 0.17 0.58
CA THR D 77 5.35 0.91 1.58
C THR D 77 6.28 1.93 0.87
N MET D 78 6.95 1.51 -0.20
CA MET D 78 7.83 2.44 -0.94
C MET D 78 7.11 3.58 -1.60
N ILE D 79 5.88 3.34 -2.09
CA ILE D 79 5.09 4.50 -2.57
C ILE D 79 4.60 5.43 -1.43
N TYR D 80 4.22 4.84 -0.29
CA TYR D 80 3.67 5.60 0.81
C TYR D 80 4.72 6.60 1.37
N ARG D 81 5.95 6.13 1.53
CA ARG D 81 7.09 7.03 1.82
C ARG D 81 7.19 8.28 0.92
N ASN D 82 6.61 8.21 -0.28
CA ASN D 82 6.74 9.28 -1.30
C ASN D 82 5.46 10.08 -1.58
N LEU D 83 4.51 9.99 -0.64
CA LEU D 83 3.19 10.58 -0.79
C LEU D 83 2.83 11.30 0.49
N VAL D 84 1.99 12.31 0.38
CA VAL D 84 1.19 12.66 1.54
C VAL D 84 -0.29 12.43 1.22
#